data_4O1F
#
_entry.id   4O1F
#
_cell.length_a   90.190
_cell.length_b   118.240
_cell.length_c   57.710
_cell.angle_alpha   90.00
_cell.angle_beta   90.00
_cell.angle_gamma   90.00
#
_symmetry.space_group_name_H-M   'P 21 21 2'
#
loop_
_entity.id
_entity.type
_entity.pdbx_description
1 polymer 'Dihydropteroate synthase DHPS'
2 non-polymer (6S)-5,6,7,8-TETRAHYDROFOLATE
3 water water
#
_entity_poly.entity_id   1
_entity_poly.type   'polypeptide(L)'
_entity_poly.pdbx_seq_one_letter_code
;MGSSHHHHHHSSGLVPRGSHMLIIIGEKINGTIPSVKKAIEAKDEKLIRDLALRQSEAGADYIDVCASTSPELEVETLQW
LMDIVQEATDTPLCIDSPNPRAIQQVLLYAKRPGLINSVSLEGDKCEVIFPLIQGTSWQVIALTCDNSGIPQDVQSRVEI
AQALVEKAQSYDIAQERIHIDPLVIALSADNGALLKFAEATRQIKANYPMINVTSGLSNISFGMPLRKVVNQNFLTLAMF
AGMDSAILDPLNRDLLAALLATEALLGRDKHCRNFANAYRKNKIGPLKEG
;
_entity_poly.pdbx_strand_id   A,B
#
# COMPACT_ATOMS: atom_id res chain seq x y z
N MET A 21 7.81 6.16 -11.93
CA MET A 21 9.25 5.94 -11.82
C MET A 21 9.57 4.45 -11.72
N LEU A 22 8.68 3.70 -11.09
CA LEU A 22 8.86 2.26 -10.93
C LEU A 22 9.05 1.57 -12.28
N ILE A 23 10.20 0.93 -12.45
CA ILE A 23 10.63 0.25 -13.68
CA ILE A 23 10.67 0.24 -13.66
C ILE A 23 10.06 -1.16 -13.69
N ILE A 24 9.30 -1.51 -14.74
CA ILE A 24 8.51 -2.78 -14.74
C ILE A 24 9.21 -3.85 -15.59
N ILE A 25 9.57 -5.03 -14.99
CA ILE A 25 10.13 -6.13 -15.75
C ILE A 25 8.97 -7.14 -15.90
N GLY A 26 8.47 -7.31 -17.13
CA GLY A 26 7.26 -8.14 -17.33
C GLY A 26 7.69 -9.60 -17.17
N GLU A 27 7.02 -10.31 -16.24
CA GLU A 27 7.42 -11.66 -15.89
C GLU A 27 6.85 -12.82 -16.73
N LYS A 28 5.92 -12.63 -17.55
CA LYS A 28 5.05 -13.62 -18.24
C LYS A 28 5.74 -14.73 -19.04
N ILE A 29 6.87 -14.34 -19.71
CA ILE A 29 7.49 -15.33 -20.61
C ILE A 29 8.48 -16.18 -19.79
N ASN A 30 7.93 -17.12 -19.02
CA ASN A 30 8.73 -18.00 -18.19
C ASN A 30 8.51 -19.47 -18.55
N GLY A 31 9.49 -20.31 -18.20
CA GLY A 31 9.41 -21.73 -18.48
C GLY A 31 8.77 -22.50 -17.35
N THR A 32 8.25 -21.79 -16.35
CA THR A 32 7.61 -22.42 -15.20
C THR A 32 6.05 -22.27 -15.25
N ILE A 33 5.53 -21.33 -16.04
CA ILE A 33 4.06 -21.17 -16.16
C ILE A 33 3.64 -22.28 -17.08
N PRO A 34 2.75 -23.18 -16.59
CA PRO A 34 2.38 -24.33 -17.41
C PRO A 34 2.04 -23.97 -18.84
N SER A 35 1.23 -22.95 -19.08
CA SER A 35 0.88 -22.54 -20.46
C SER A 35 2.06 -22.11 -21.38
N VAL A 36 3.05 -21.41 -20.81
CA VAL A 36 4.27 -21.04 -21.54
C VAL A 36 5.15 -22.27 -21.74
N LYS A 37 5.22 -23.15 -20.74
CA LYS A 37 6.00 -24.39 -20.96
C LYS A 37 5.39 -25.12 -22.16
N LYS A 38 4.05 -25.25 -22.19
CA LYS A 38 3.42 -25.99 -23.35
C LYS A 38 3.69 -25.26 -24.67
N ALA A 39 3.67 -23.91 -24.66
CA ALA A 39 4.05 -23.11 -25.86
C ALA A 39 5.50 -23.28 -26.37
N ILE A 40 6.47 -23.40 -25.45
CA ILE A 40 7.84 -23.77 -25.82
C ILE A 40 7.89 -25.20 -26.40
N GLU A 41 7.26 -26.17 -25.73
CA GLU A 41 7.31 -27.56 -26.23
C GLU A 41 6.57 -27.67 -27.57
N ALA A 42 5.46 -26.95 -27.72
CA ALA A 42 4.71 -26.90 -29.00
C ALA A 42 5.27 -25.92 -30.04
N LYS A 43 6.30 -25.13 -29.71
CA LYS A 43 6.85 -24.08 -30.61
C LYS A 43 5.77 -23.08 -31.14
N ASP A 44 4.81 -22.85 -30.25
CA ASP A 44 3.68 -22.00 -30.48
C ASP A 44 4.14 -20.56 -30.31
N GLU A 45 4.70 -20.01 -31.40
CA GLU A 45 5.20 -18.63 -31.44
C GLU A 45 4.18 -17.54 -31.13
N LYS A 46 2.93 -17.79 -31.51
CA LYS A 46 1.86 -16.81 -31.38
C LYS A 46 1.68 -16.40 -29.93
N LEU A 47 1.60 -17.40 -29.05
CA LEU A 47 1.42 -17.12 -27.62
C LEU A 47 2.55 -16.20 -27.09
N ILE A 48 3.79 -16.46 -27.52
CA ILE A 48 4.96 -15.71 -26.97
C ILE A 48 4.94 -14.32 -27.53
N ARG A 49 4.56 -14.27 -28.81
CA ARG A 49 4.46 -12.96 -29.49
C ARG A 49 3.41 -12.10 -28.74
N ASP A 50 2.25 -12.67 -28.43
CA ASP A 50 1.19 -11.90 -27.76
C ASP A 50 1.54 -11.57 -26.32
N LEU A 51 2.26 -12.44 -25.59
CA LEU A 51 2.73 -11.99 -24.26
C LEU A 51 3.73 -10.83 -24.36
N ALA A 52 4.61 -10.86 -25.37
CA ALA A 52 5.60 -9.76 -25.54
C ALA A 52 4.86 -8.47 -25.81
N LEU A 53 3.89 -8.55 -26.71
CA LEU A 53 3.12 -7.37 -27.11
C LEU A 53 2.25 -6.78 -26.01
N ARG A 54 1.47 -7.64 -25.38
CA ARG A 54 0.59 -7.15 -24.37
C ARG A 54 1.36 -6.55 -23.16
N GLN A 55 2.50 -7.16 -22.78
CA GLN A 55 3.29 -6.71 -21.65
C GLN A 55 3.91 -5.33 -22.00
N SER A 56 4.42 -5.17 -23.22
CA SER A 56 4.91 -3.86 -23.66
C SER A 56 3.82 -2.77 -23.61
N GLU A 57 2.65 -3.11 -24.13
CA GLU A 57 1.50 -2.19 -24.22
C GLU A 57 1.02 -1.81 -22.85
N ALA A 58 1.22 -2.71 -21.90
CA ALA A 58 0.84 -2.45 -20.51
C ALA A 58 1.89 -1.62 -19.79
N GLY A 59 3.03 -1.35 -20.43
CA GLY A 59 4.00 -0.56 -19.79
C GLY A 59 5.27 -1.20 -19.34
N ALA A 60 5.49 -2.50 -19.62
CA ALA A 60 6.74 -3.13 -19.25
C ALA A 60 7.92 -2.34 -19.84
N ASP A 61 8.98 -2.20 -19.06
CA ASP A 61 10.23 -1.60 -19.54
C ASP A 61 11.21 -2.62 -20.08
N TYR A 62 11.07 -3.89 -19.63
CA TYR A 62 11.91 -5.04 -19.98
C TYR A 62 10.96 -6.23 -20.08
N ILE A 63 11.33 -7.16 -20.93
CA ILE A 63 10.56 -8.39 -21.08
C ILE A 63 11.46 -9.51 -20.58
N ASP A 64 11.08 -10.12 -19.45
CA ASP A 64 11.89 -11.19 -18.86
C ASP A 64 11.67 -12.39 -19.80
N VAL A 65 12.69 -13.18 -20.08
CA VAL A 65 12.54 -14.42 -20.86
C VAL A 65 13.26 -15.51 -20.02
N CYS A 66 12.56 -16.60 -19.68
CA CYS A 66 13.12 -17.67 -18.82
C CYS A 66 12.73 -19.02 -19.43
N ALA A 67 13.70 -19.85 -19.80
CA ALA A 67 13.41 -21.13 -20.54
C ALA A 67 12.76 -22.17 -19.63
N SER A 68 13.33 -22.36 -18.45
CA SER A 68 12.80 -23.34 -17.49
C SER A 68 12.69 -24.73 -18.10
N THR A 69 13.70 -25.11 -18.89
CA THR A 69 13.72 -26.41 -19.54
C THR A 69 15.03 -27.13 -19.22
N SER A 70 15.12 -28.40 -19.64
CA SER A 70 16.32 -29.20 -19.40
C SER A 70 17.56 -28.41 -19.79
N PRO A 71 18.57 -28.40 -18.91
CA PRO A 71 19.79 -27.65 -19.16
C PRO A 71 20.27 -27.70 -20.61
N GLU A 72 20.42 -28.89 -21.18
CA GLU A 72 21.00 -29.00 -22.53
C GLU A 72 20.14 -28.37 -23.63
N LEU A 73 18.85 -28.09 -23.35
CA LEU A 73 17.95 -27.28 -24.25
C LEU A 73 17.88 -25.77 -23.92
N GLU A 74 18.51 -25.37 -22.85
CA GLU A 74 18.18 -24.00 -22.37
C GLU A 74 18.68 -22.90 -23.35
N VAL A 75 19.91 -23.06 -23.85
CA VAL A 75 20.47 -22.05 -24.79
C VAL A 75 19.66 -21.89 -26.05
N GLU A 76 19.26 -22.99 -26.66
CA GLU A 76 18.44 -22.92 -27.85
C GLU A 76 17.02 -22.39 -27.58
N THR A 77 16.45 -22.69 -26.41
CA THR A 77 15.13 -22.24 -26.08
C THR A 77 15.20 -20.72 -25.81
N LEU A 78 16.23 -20.29 -25.10
CA LEU A 78 16.43 -18.83 -24.83
C LEU A 78 16.55 -18.11 -26.15
N GLN A 79 17.35 -18.66 -27.06
CA GLN A 79 17.49 -18.01 -28.36
C GLN A 79 16.16 -17.88 -29.10
N TRP A 80 15.38 -18.97 -29.08
CA TRP A 80 14.06 -19.00 -29.74
C TRP A 80 13.11 -17.94 -29.12
N LEU A 81 13.11 -17.85 -27.79
CA LEU A 81 12.25 -16.91 -27.13
C LEU A 81 12.70 -15.46 -27.50
N MET A 82 14.02 -15.23 -27.54
CA MET A 82 14.59 -13.87 -27.75
C MET A 82 14.25 -13.39 -29.17
N ASP A 83 14.34 -14.29 -30.14
CA ASP A 83 13.93 -13.97 -31.53
C ASP A 83 12.47 -13.63 -31.67
N ILE A 84 11.58 -14.40 -31.06
CA ILE A 84 10.15 -14.13 -31.21
C ILE A 84 9.79 -12.80 -30.52
N VAL A 85 10.33 -12.56 -29.33
CA VAL A 85 10.02 -11.33 -28.58
C VAL A 85 10.51 -10.14 -29.44
N GLN A 86 11.76 -10.25 -29.88
CA GLN A 86 12.45 -9.17 -30.58
C GLN A 86 11.65 -8.81 -31.82
N GLU A 87 11.43 -9.81 -32.66
CA GLU A 87 10.55 -9.61 -33.85
C GLU A 87 9.28 -8.81 -33.54
N ALA A 88 8.71 -9.03 -32.36
CA ALA A 88 7.44 -8.41 -31.99
C ALA A 88 7.59 -7.02 -31.38
N THR A 89 8.59 -6.73 -30.59
CA THR A 89 8.76 -5.52 -29.78
C THR A 89 10.22 -5.12 -29.62
N ASP A 90 10.37 -3.77 -29.55
CA ASP A 90 11.70 -3.17 -29.28
C ASP A 90 11.96 -3.03 -27.77
N THR A 91 10.94 -3.31 -26.93
CA THR A 91 11.11 -3.30 -25.48
C THR A 91 12.27 -4.30 -25.09
N PRO A 92 13.32 -3.79 -24.44
CA PRO A 92 14.55 -4.58 -24.25
C PRO A 92 14.24 -5.88 -23.45
N LEU A 93 15.15 -6.85 -23.61
CA LEU A 93 15.07 -8.17 -22.94
C LEU A 93 15.64 -8.16 -21.52
N CYS A 94 15.06 -8.91 -20.63
CA CYS A 94 15.70 -9.31 -19.35
C CYS A 94 15.92 -10.83 -19.46
N ILE A 95 17.16 -11.23 -19.66
CA ILE A 95 17.57 -12.64 -19.91
C ILE A 95 17.63 -13.29 -18.52
N ASP A 96 16.74 -14.27 -18.27
CA ASP A 96 16.59 -14.81 -16.95
C ASP A 96 17.11 -16.26 -17.00
N SER A 97 18.22 -16.51 -16.32
CA SER A 97 18.74 -17.86 -16.27
C SER A 97 19.48 -18.05 -14.94
N PRO A 98 19.33 -19.21 -14.28
CA PRO A 98 20.22 -19.48 -13.19
C PRO A 98 21.60 -19.97 -13.64
N ASN A 99 21.83 -20.14 -14.96
CA ASN A 99 23.11 -20.64 -15.48
C ASN A 99 23.94 -19.54 -16.22
N PRO A 100 24.96 -18.96 -15.58
CA PRO A 100 25.69 -17.81 -16.20
C PRO A 100 26.24 -18.24 -17.59
N ARG A 101 26.57 -19.54 -17.74
CA ARG A 101 27.10 -20.00 -19.08
C ARG A 101 26.06 -19.84 -20.16
N ALA A 102 24.80 -20.13 -19.82
CA ALA A 102 23.69 -19.91 -20.76
C ALA A 102 23.56 -18.42 -21.15
N ILE A 103 23.57 -17.51 -20.18
CA ILE A 103 23.57 -16.07 -20.46
C ILE A 103 24.72 -15.72 -21.44
N GLN A 104 25.90 -16.20 -21.16
CA GLN A 104 27.02 -15.88 -22.00
C GLN A 104 26.76 -16.36 -23.44
N GLN A 105 26.10 -17.51 -23.60
CA GLN A 105 25.94 -18.08 -24.90
C GLN A 105 24.80 -17.45 -25.65
N VAL A 106 23.98 -16.60 -24.98
CA VAL A 106 22.84 -16.02 -25.70
C VAL A 106 22.94 -14.50 -25.75
N LEU A 107 23.90 -13.90 -25.08
CA LEU A 107 23.95 -12.42 -25.02
C LEU A 107 24.00 -11.74 -26.41
N LEU A 108 24.76 -12.36 -27.34
CA LEU A 108 25.00 -11.78 -28.68
C LEU A 108 23.75 -11.84 -29.55
N TYR A 109 22.73 -12.60 -29.16
CA TYR A 109 21.47 -12.66 -29.87
C TYR A 109 20.52 -11.48 -29.60
N ALA A 110 20.82 -10.67 -28.59
CA ALA A 110 20.03 -9.47 -28.30
C ALA A 110 20.42 -8.36 -29.27
N LYS A 111 19.41 -7.71 -29.86
CA LYS A 111 19.59 -6.61 -30.79
C LYS A 111 20.01 -5.35 -30.11
N ARG A 112 19.76 -5.23 -28.81
CA ARG A 112 20.02 -4.00 -28.07
C ARG A 112 20.26 -4.42 -26.61
N PRO A 113 21.01 -3.59 -25.89
CA PRO A 113 21.28 -3.73 -24.46
C PRO A 113 19.96 -3.84 -23.61
N GLY A 114 19.93 -4.81 -22.71
CA GLY A 114 18.78 -5.00 -21.82
C GLY A 114 19.21 -5.17 -20.38
N LEU A 115 18.76 -6.26 -19.77
CA LEU A 115 19.11 -6.57 -18.38
C LEU A 115 19.40 -8.06 -18.24
N ILE A 116 20.29 -8.40 -17.31
CA ILE A 116 20.66 -9.83 -17.10
C ILE A 116 20.17 -10.17 -15.71
N ASN A 117 19.44 -11.29 -15.62
CA ASN A 117 18.78 -11.81 -14.44
C ASN A 117 19.31 -13.24 -14.26
N SER A 118 20.39 -13.43 -13.47
CA SER A 118 20.99 -12.46 -12.57
C SER A 118 22.43 -12.96 -12.16
N VAL A 119 23.15 -12.14 -11.40
CA VAL A 119 24.36 -12.61 -10.67
C VAL A 119 24.09 -12.70 -9.18
N SER A 120 24.97 -13.37 -8.45
CA SER A 120 24.94 -13.39 -7.02
C SER A 120 26.38 -13.75 -6.60
N LEU A 121 26.66 -13.84 -5.29
CA LEU A 121 27.99 -14.30 -4.90
C LEU A 121 28.05 -15.80 -4.92
N GLU A 122 27.02 -16.46 -5.40
CA GLU A 122 27.13 -17.94 -5.52
C GLU A 122 28.11 -18.39 -6.69
N GLY A 123 28.88 -19.43 -6.44
CA GLY A 123 29.69 -20.05 -7.52
C GLY A 123 30.58 -19.08 -8.25
N ASP A 124 30.50 -19.10 -9.57
CA ASP A 124 31.35 -18.21 -10.43
C ASP A 124 30.43 -17.19 -11.17
N LYS A 125 29.27 -16.86 -10.58
CA LYS A 125 28.35 -16.00 -11.31
C LYS A 125 28.98 -14.64 -11.73
N CYS A 126 29.63 -13.99 -10.80
CA CYS A 126 30.27 -12.69 -11.05
C CYS A 126 31.42 -12.80 -12.03
N GLU A 127 32.21 -13.86 -11.91
CA GLU A 127 33.38 -14.09 -12.72
C GLU A 127 33.03 -14.36 -14.16
N VAL A 128 31.85 -14.93 -14.40
CA VAL A 128 31.32 -15.15 -15.77
C VAL A 128 30.65 -13.91 -16.37
N ILE A 129 29.77 -13.32 -15.60
CA ILE A 129 28.80 -12.28 -16.10
C ILE A 129 29.48 -10.95 -16.15
N PHE A 130 30.31 -10.66 -15.18
CA PHE A 130 30.84 -9.27 -15.15
C PHE A 130 31.75 -8.93 -16.33
N PRO A 131 32.64 -9.89 -16.75
CA PRO A 131 33.52 -9.59 -17.91
C PRO A 131 32.68 -9.54 -19.18
N LEU A 132 31.55 -10.22 -19.15
CA LEU A 132 30.63 -10.23 -20.29
C LEU A 132 30.00 -8.87 -20.59
N ILE A 133 29.69 -8.10 -19.55
CA ILE A 133 28.99 -6.84 -19.74
C ILE A 133 29.91 -5.62 -19.51
N GLN A 134 31.13 -5.86 -19.04
CA GLN A 134 32.14 -4.81 -18.92
C GLN A 134 32.28 -4.05 -20.26
N GLY A 135 32.30 -2.73 -20.23
CA GLY A 135 32.35 -1.95 -21.49
C GLY A 135 31.07 -1.86 -22.35
N THR A 136 29.96 -2.42 -21.85
CA THR A 136 28.70 -2.43 -22.62
C THR A 136 27.66 -1.66 -21.81
N SER A 137 26.46 -1.51 -22.32
C SER A 137 24.41 -1.80 -20.95
N TRP A 138 24.73 -3.08 -20.93
CA TRP A 138 23.89 -4.04 -20.23
C TRP A 138 23.77 -3.66 -18.72
N GLN A 139 22.57 -3.84 -18.17
CA GLN A 139 22.32 -3.75 -16.71
C GLN A 139 22.20 -5.17 -16.14
N VAL A 140 22.25 -5.25 -14.83
CA VAL A 140 22.35 -6.54 -14.17
C VAL A 140 21.57 -6.57 -12.85
N ILE A 141 20.77 -7.62 -12.64
CA ILE A 141 20.15 -7.89 -11.33
C ILE A 141 21.14 -8.68 -10.49
N ALA A 142 21.39 -8.28 -9.28
CA ALA A 142 22.34 -9.01 -8.38
C ALA A 142 21.57 -9.37 -7.12
N LEU A 143 21.47 -10.67 -6.84
CA LEU A 143 20.76 -11.18 -5.71
C LEU A 143 21.65 -11.17 -4.49
N THR A 144 21.09 -10.80 -3.34
CA THR A 144 21.81 -10.93 -2.07
C THR A 144 21.70 -12.36 -1.52
N CYS A 145 22.40 -13.29 -2.17
CA CYS A 145 22.67 -14.65 -1.69
C CYS A 145 24.10 -15.07 -2.09
N ASP A 146 24.60 -16.16 -1.49
CA ASP A 146 25.99 -16.57 -1.69
C ASP A 146 26.02 -18.12 -1.60
N ASN A 147 27.16 -18.72 -1.39
CA ASN A 147 27.23 -20.16 -1.38
C ASN A 147 26.47 -20.85 -0.24
N SER A 148 26.21 -20.13 0.86
CA SER A 148 25.45 -20.65 2.00
C SER A 148 23.91 -20.59 1.83
N GLY A 149 23.43 -19.96 0.77
CA GLY A 149 22.01 -19.79 0.50
C GLY A 149 21.51 -18.36 0.64
N ILE A 150 20.19 -18.21 0.84
CA ILE A 150 19.56 -16.89 0.98
C ILE A 150 19.40 -16.45 2.45
N PRO A 151 20.27 -15.55 2.97
CA PRO A 151 20.08 -15.11 4.38
C PRO A 151 18.75 -14.42 4.56
N GLN A 152 18.20 -14.56 5.76
CA GLN A 152 16.89 -14.02 6.08
C GLN A 152 17.08 -12.68 6.82
N ASP A 153 18.29 -12.48 7.39
CA ASP A 153 18.55 -11.24 8.18
C ASP A 153 18.99 -10.10 7.24
N VAL A 154 18.78 -8.87 7.73
CA VAL A 154 19.17 -7.66 7.08
C VAL A 154 20.70 -7.55 6.88
N GLN A 155 21.45 -7.61 7.98
CA GLN A 155 22.91 -7.29 7.94
C GLN A 155 23.63 -8.16 6.92
N SER A 156 23.36 -9.46 6.91
CA SER A 156 24.04 -10.31 5.92
C SER A 156 23.74 -9.91 4.46
N ARG A 157 22.50 -9.48 4.21
CA ARG A 157 22.11 -9.14 2.82
C ARG A 157 22.77 -7.84 2.36
N VAL A 158 22.86 -6.91 3.31
CA VAL A 158 23.47 -5.61 3.09
C VAL A 158 24.93 -5.85 2.79
N GLU A 159 25.60 -6.69 3.60
CA GLU A 159 27.02 -7.00 3.37
C GLU A 159 27.25 -7.69 2.01
N ILE A 160 26.35 -8.61 1.63
CA ILE A 160 26.46 -9.25 0.31
C ILE A 160 26.29 -8.23 -0.83
N ALA A 161 25.32 -7.32 -0.69
CA ALA A 161 25.19 -6.27 -1.68
C ALA A 161 26.49 -5.42 -1.84
N GLN A 162 27.11 -5.05 -0.72
CA GLN A 162 28.38 -4.30 -0.77
C GLN A 162 29.46 -5.05 -1.51
N ALA A 163 29.60 -6.33 -1.19
CA ALA A 163 30.55 -7.17 -1.93
C ALA A 163 30.32 -7.21 -3.45
N LEU A 164 29.05 -7.28 -3.85
CA LEU A 164 28.68 -7.29 -5.26
C LEU A 164 29.02 -5.96 -5.92
N VAL A 165 28.60 -4.87 -5.30
CA VAL A 165 28.88 -3.54 -5.81
C VAL A 165 30.39 -3.33 -5.92
N GLU A 166 31.14 -3.94 -5.02
CA GLU A 166 32.60 -3.84 -5.04
C GLU A 166 33.18 -4.61 -6.21
N LYS A 167 32.69 -5.83 -6.41
CA LYS A 167 33.15 -6.68 -7.53
C LYS A 167 32.73 -6.13 -8.88
N ALA A 168 31.50 -5.56 -8.96
CA ALA A 168 31.05 -4.91 -10.19
C ALA A 168 31.96 -3.70 -10.53
N GLN A 169 32.37 -2.94 -9.50
CA GLN A 169 33.25 -1.79 -9.64
C GLN A 169 34.59 -2.25 -10.26
N SER A 170 35.05 -3.47 -9.92
CA SER A 170 36.26 -4.11 -10.51
C SER A 170 36.20 -4.11 -12.02
N TYR A 171 35.00 -4.29 -12.56
CA TYR A 171 34.82 -4.25 -14.00
C TYR A 171 34.22 -2.95 -14.51
N ASP A 172 34.35 -1.85 -13.77
CA ASP A 172 33.85 -0.53 -14.21
C ASP A 172 32.33 -0.55 -14.48
N ILE A 173 31.62 -1.46 -13.85
CA ILE A 173 30.13 -1.41 -13.89
C ILE A 173 29.58 -0.40 -12.81
N ALA A 174 29.01 0.71 -13.25
CA ALA A 174 28.55 1.77 -12.34
C ALA A 174 27.31 1.30 -11.52
N GLN A 175 27.16 1.76 -10.27
CA GLN A 175 25.99 1.51 -9.40
C GLN A 175 24.65 1.64 -10.17
N GLU A 176 24.53 2.67 -11.00
CA GLU A 176 23.30 2.89 -11.76
C GLU A 176 22.85 1.71 -12.63
N ARG A 177 23.78 0.82 -12.97
CA ARG A 177 23.49 -0.31 -13.86
C ARG A 177 23.02 -1.53 -13.10
N ILE A 178 23.02 -1.47 -11.77
CA ILE A 178 22.78 -2.65 -10.97
C ILE A 178 21.42 -2.52 -10.27
N HIS A 179 20.72 -3.65 -10.19
CA HIS A 179 19.42 -3.77 -9.49
C HIS A 179 19.66 -4.81 -8.39
N ILE A 180 19.76 -4.37 -7.15
CA ILE A 180 19.98 -5.30 -6.03
C ILE A 180 18.64 -5.95 -5.65
N ASP A 181 18.60 -7.28 -5.65
CA ASP A 181 17.38 -8.00 -5.20
C ASP A 181 17.65 -8.58 -3.85
N PRO A 182 17.03 -8.07 -2.77
CA PRO A 182 17.15 -8.59 -1.40
C PRO A 182 16.45 -9.97 -1.13
N LEU A 183 15.91 -10.59 -2.18
CA LEU A 183 15.23 -11.94 -2.16
C LEU A 183 14.30 -12.08 -1.00
N VAL A 184 13.31 -11.18 -0.92
CA VAL A 184 12.32 -11.21 0.17
C VAL A 184 11.72 -12.61 0.24
N ILE A 185 11.61 -13.17 1.44
CA ILE A 185 10.99 -14.48 1.62
C ILE A 185 9.51 -14.37 1.97
N ALA A 186 8.84 -15.50 2.06
CA ALA A 186 7.40 -15.54 2.39
C ALA A 186 7.09 -14.92 3.76
N LEU A 187 6.08 -14.07 3.77
CA LEU A 187 5.62 -13.47 5.02
C LEU A 187 5.21 -14.52 6.09
N SER A 188 4.63 -15.63 5.65
CA SER A 188 4.20 -16.74 6.51
C SER A 188 5.43 -17.39 7.11
N ALA A 189 6.57 -17.30 6.42
CA ALA A 189 7.83 -17.85 7.01
C ALA A 189 8.58 -16.86 7.96
N ASP A 190 8.51 -15.56 7.67
CA ASP A 190 9.03 -14.49 8.54
C ASP A 190 8.06 -13.25 8.44
N ASN A 191 7.30 -13.02 9.49
CA ASN A 191 6.31 -11.90 9.56
C ASN A 191 6.94 -10.49 9.44
N GLY A 192 8.27 -10.44 9.58
CA GLY A 192 9.01 -9.24 9.44
C GLY A 192 9.57 -9.09 8.05
N ALA A 193 9.16 -9.92 7.09
CA ALA A 193 9.81 -9.94 5.75
C ALA A 193 9.78 -8.57 5.06
N LEU A 194 8.61 -7.91 5.07
CA LEU A 194 8.48 -6.59 4.46
C LEU A 194 9.26 -5.53 5.28
N LEU A 195 9.14 -5.61 6.59
CA LEU A 195 9.90 -4.64 7.41
C LEU A 195 11.44 -4.73 7.10
N LYS A 196 11.91 -5.97 7.01
CA LYS A 196 13.31 -6.28 6.66
C LYS A 196 13.67 -5.87 5.24
N PHE A 197 12.71 -5.98 4.31
CA PHE A 197 12.94 -5.51 2.99
C PHE A 197 13.20 -4.02 3.06
N ALA A 198 12.30 -3.31 3.70
CA ALA A 198 12.43 -1.83 3.71
C ALA A 198 13.78 -1.40 4.34
N GLU A 199 14.16 -2.07 5.41
CA GLU A 199 15.37 -1.69 6.12
C GLU A 199 16.61 -2.01 5.31
N ALA A 200 16.62 -3.19 4.69
CA ALA A 200 17.71 -3.48 3.75
C ALA A 200 17.82 -2.44 2.65
N THR A 201 16.69 -2.14 2.02
CA THR A 201 16.62 -1.10 1.01
C THR A 201 17.16 0.26 1.50
N ARG A 202 16.70 0.71 2.64
CA ARG A 202 17.25 1.95 3.20
C ARG A 202 18.78 1.95 3.29
N GLN A 203 19.31 0.89 3.84
CA GLN A 203 20.80 0.79 4.05
C GLN A 203 21.63 0.70 2.75
N ILE A 204 21.09 -0.04 1.81
CA ILE A 204 21.75 -0.26 0.50
C ILE A 204 21.77 1.04 -0.26
N LYS A 205 20.62 1.71 -0.32
CA LYS A 205 20.51 2.99 -0.99
C LYS A 205 21.41 4.02 -0.31
N ALA A 206 21.41 4.01 1.01
CA ALA A 206 22.25 4.91 1.79
C ALA A 206 23.71 4.79 1.33
N ASN A 207 24.21 3.55 1.31
CA ASN A 207 25.55 3.29 0.86
C ASN A 207 25.79 3.63 -0.61
N TYR A 208 24.78 3.42 -1.42
CA TYR A 208 24.92 3.51 -2.89
C TYR A 208 23.73 4.26 -3.46
N PRO A 209 23.76 5.60 -3.42
CA PRO A 209 22.54 6.38 -3.70
C PRO A 209 22.10 6.25 -5.14
N MET A 210 22.98 5.81 -6.04
CA MET A 210 22.69 5.71 -7.48
C MET A 210 22.13 4.32 -7.87
N ILE A 211 22.12 3.39 -6.93
CA ILE A 211 21.72 1.98 -7.28
C ILE A 211 20.23 1.80 -7.39
N ASN A 212 19.83 0.68 -7.98
CA ASN A 212 18.45 0.28 -8.02
C ASN A 212 18.25 -0.87 -7.07
N VAL A 213 17.10 -0.88 -6.43
CA VAL A 213 16.65 -2.05 -5.64
C VAL A 213 15.43 -2.60 -6.31
N THR A 214 15.42 -3.95 -6.44
CA THR A 214 14.38 -4.66 -7.20
C THR A 214 13.82 -5.80 -6.32
N SER A 215 12.67 -6.34 -6.71
CA SER A 215 12.07 -7.53 -6.10
C SER A 215 11.08 -8.16 -7.07
N GLY A 216 10.87 -9.45 -6.91
CA GLY A 216 9.64 -10.04 -7.43
C GLY A 216 8.51 -9.82 -6.43
N LEU A 217 7.27 -10.09 -6.84
CA LEU A 217 6.16 -9.77 -5.97
C LEU A 217 5.51 -10.99 -5.37
N SER A 218 5.79 -12.15 -5.91
CA SER A 218 4.99 -13.31 -5.48
C SER A 218 5.54 -14.12 -4.31
N ASN A 219 6.86 -14.14 -4.07
CA ASN A 219 7.40 -14.90 -2.96
C ASN A 219 6.77 -14.53 -1.64
N ILE A 220 6.57 -13.23 -1.45
CA ILE A 220 6.00 -12.68 -0.22
C ILE A 220 4.70 -13.40 0.21
N SER A 221 3.91 -13.89 -0.74
CA SER A 221 2.56 -14.33 -0.35
C SER A 221 2.48 -15.88 -0.32
N PHE A 222 3.63 -16.53 -0.50
CA PHE A 222 3.55 -18.02 -0.44
C PHE A 222 3.04 -18.55 0.91
N GLY A 223 2.05 -19.43 0.91
CA GLY A 223 1.55 -19.93 2.19
C GLY A 223 0.45 -19.12 2.86
N MET A 224 -0.06 -18.15 2.13
CA MET A 224 -1.16 -17.31 2.57
C MET A 224 -2.19 -17.48 1.50
N PRO A 225 -3.46 -17.29 1.86
CA PRO A 225 -4.62 -17.31 0.93
C PRO A 225 -4.65 -15.95 0.28
N LEU A 226 -5.42 -15.77 -0.80
CA LEU A 226 -5.57 -14.50 -1.52
C LEU A 226 -4.20 -13.86 -1.87
N ARG A 227 -3.31 -14.68 -2.41
CA ARG A 227 -1.96 -14.26 -2.76
C ARG A 227 -1.89 -12.98 -3.56
N LYS A 228 -2.80 -12.78 -4.48
CA LYS A 228 -2.77 -11.57 -5.29
C LYS A 228 -3.03 -10.30 -4.48
N VAL A 229 -3.85 -10.41 -3.47
CA VAL A 229 -4.10 -9.30 -2.62
C VAL A 229 -2.84 -8.98 -1.81
N VAL A 230 -2.23 -10.00 -1.29
CA VAL A 230 -1.07 -9.77 -0.48
C VAL A 230 0.03 -9.17 -1.37
N ASN A 231 0.18 -9.74 -2.56
CA ASN A 231 1.21 -9.26 -3.52
C ASN A 231 1.02 -7.77 -3.82
N GLN A 232 -0.22 -7.34 -4.05
CA GLN A 232 -0.50 -5.93 -4.42
C GLN A 232 -0.22 -5.00 -3.26
N ASN A 233 -0.57 -5.40 -2.05
CA ASN A 233 -0.20 -4.54 -0.89
C ASN A 233 1.31 -4.53 -0.65
N PHE A 234 1.95 -5.67 -0.89
CA PHE A 234 3.42 -5.74 -0.77
C PHE A 234 4.04 -4.75 -1.79
N LEU A 235 3.48 -4.70 -2.98
CA LEU A 235 3.99 -3.77 -4.00
C LEU A 235 3.87 -2.30 -3.53
N THR A 236 2.66 -1.97 -3.11
CA THR A 236 2.47 -0.59 -2.63
C THR A 236 3.53 -0.20 -1.51
N LEU A 237 3.68 -1.08 -0.56
CA LEU A 237 4.56 -0.84 0.64
C LEU A 237 6.01 -0.74 0.17
N ALA A 238 6.37 -1.62 -0.76
CA ALA A 238 7.77 -1.71 -1.25
C ALA A 238 8.13 -0.48 -2.08
N MET A 239 7.16 0.03 -2.86
CA MET A 239 7.35 1.29 -3.58
C MET A 239 7.61 2.46 -2.58
N PHE A 240 6.82 2.54 -1.50
CA PHE A 240 6.98 3.66 -0.56
C PHE A 240 8.33 3.48 0.13
N ALA A 241 8.70 2.23 0.40
CA ALA A 241 10.02 1.94 0.95
C ALA A 241 11.19 2.24 0.02
N GLY A 242 10.98 2.50 -1.26
CA GLY A 242 12.06 2.91 -2.12
C GLY A 242 12.44 1.91 -3.21
N MET A 243 11.62 0.89 -3.38
CA MET A 243 11.89 -0.03 -4.53
C MET A 243 11.89 0.70 -5.87
N ASP A 244 12.89 0.42 -6.73
CA ASP A 244 13.10 1.08 -8.04
C ASP A 244 12.60 0.35 -9.26
N SER A 245 12.58 -0.96 -9.14
CA SER A 245 12.17 -1.87 -10.23
C SER A 245 11.51 -3.10 -9.64
N ALA A 246 10.69 -3.76 -10.44
CA ALA A 246 10.08 -5.02 -9.95
C ALA A 246 9.76 -5.92 -11.10
N ILE A 247 9.85 -7.22 -10.82
CA ILE A 247 9.39 -8.25 -11.76
C ILE A 247 7.97 -8.62 -11.41
N LEU A 248 7.05 -8.37 -12.31
CA LEU A 248 5.66 -8.57 -12.02
C LEU A 248 4.87 -8.82 -13.32
N ASP A 249 3.57 -9.11 -13.12
CA ASP A 249 2.62 -9.32 -14.16
C ASP A 249 1.86 -8.05 -14.50
N PRO A 250 2.21 -7.33 -15.61
CA PRO A 250 1.50 -6.09 -15.85
C PRO A 250 0.20 -6.31 -16.59
N LEU A 251 -0.12 -7.55 -16.89
CA LEU A 251 -1.43 -7.90 -17.43
C LEU A 251 -2.53 -8.10 -16.40
N ASN A 252 -2.16 -7.99 -15.13
CA ASN A 252 -3.12 -8.07 -14.03
C ASN A 252 -3.81 -6.73 -13.81
N ARG A 253 -5.05 -6.63 -14.26
CA ARG A 253 -5.81 -5.38 -14.19
C ARG A 253 -5.78 -4.74 -12.80
N ASP A 254 -5.95 -5.56 -11.77
CA ASP A 254 -6.03 -5.04 -10.38
C ASP A 254 -4.63 -4.59 -9.93
N LEU A 255 -3.60 -5.38 -10.28
CA LEU A 255 -2.23 -5.01 -9.85
C LEU A 255 -1.82 -3.70 -10.56
N LEU A 256 -2.22 -3.54 -11.81
CA LEU A 256 -1.81 -2.33 -12.54
C LEU A 256 -2.50 -1.06 -11.96
N ALA A 257 -3.76 -1.21 -11.59
CA ALA A 257 -4.56 -0.17 -10.96
C ALA A 257 -3.84 0.18 -9.62
N ALA A 258 -3.42 -0.81 -8.85
CA ALA A 258 -2.59 -0.49 -7.59
C ALA A 258 -1.27 0.30 -7.84
N LEU A 259 -0.55 -0.19 -8.83
CA LEU A 259 0.71 0.37 -9.28
C LEU A 259 0.53 1.84 -9.68
N LEU A 260 -0.45 2.10 -10.56
CA LEU A 260 -0.71 3.43 -10.99
C LEU A 260 -1.30 4.35 -9.90
N ALA A 261 -2.17 3.82 -9.04
CA ALA A 261 -2.67 4.61 -7.93
C ALA A 261 -1.50 4.93 -7.01
N THR A 262 -0.59 3.97 -6.80
CA THR A 262 0.56 4.20 -5.89
C THR A 262 1.55 5.23 -6.53
N GLU A 263 1.77 5.16 -7.85
CA GLU A 263 2.60 6.21 -8.50
C GLU A 263 2.00 7.58 -8.18
N ALA A 264 0.68 7.71 -8.35
CA ALA A 264 0.05 9.08 -8.12
C ALA A 264 0.18 9.47 -6.64
N LEU A 265 -0.06 8.52 -5.75
CA LEU A 265 0.01 8.82 -4.33
C LEU A 265 1.44 9.20 -3.88
N LEU A 266 2.45 8.70 -4.58
CA LEU A 266 3.83 9.05 -4.22
C LEU A 266 4.34 10.33 -4.90
N GLY A 267 3.44 11.05 -5.56
CA GLY A 267 3.81 12.35 -6.10
C GLY A 267 4.47 12.26 -7.43
N ARG A 268 4.32 11.13 -8.13
CA ARG A 268 5.09 10.85 -9.36
C ARG A 268 4.23 10.94 -10.62
N ASP A 269 2.93 11.22 -10.48
CA ASP A 269 2.03 11.30 -11.67
C ASP A 269 1.42 12.67 -11.68
N LYS A 270 2.06 13.59 -12.42
CA LYS A 270 1.69 15.02 -12.43
C LYS A 270 0.26 15.12 -12.92
N HIS A 271 -0.54 15.80 -12.12
CA HIS A 271 -1.98 16.00 -12.26
C HIS A 271 -2.79 14.70 -12.27
N CYS A 272 -2.13 13.60 -11.83
CA CYS A 272 -2.77 12.28 -11.82
C CYS A 272 -3.15 11.86 -13.27
N ARG A 273 -2.39 12.38 -14.24
CA ARG A 273 -2.71 12.26 -15.67
C ARG A 273 -2.56 10.83 -16.21
N ASN A 274 -1.55 10.05 -15.79
CA ASN A 274 -1.44 8.63 -16.21
C ASN A 274 -2.54 7.75 -15.67
N PHE A 275 -2.91 7.94 -14.38
CA PHE A 275 -4.05 7.26 -13.78
C PHE A 275 -5.40 7.56 -14.51
N ALA A 276 -5.71 8.82 -14.74
CA ALA A 276 -6.94 9.18 -15.49
C ALA A 276 -6.93 8.67 -16.95
N ASN A 277 -5.79 8.85 -17.61
CA ASN A 277 -5.63 8.40 -19.00
C ASN A 277 -5.83 6.90 -19.13
N ALA A 278 -5.26 6.15 -18.19
CA ALA A 278 -5.39 4.70 -18.19
C ALA A 278 -6.85 4.28 -18.00
N TYR A 279 -7.53 4.96 -17.07
CA TYR A 279 -8.92 4.67 -16.80
C TYR A 279 -9.78 4.98 -18.02
N ARG A 280 -9.50 6.09 -18.67
CA ARG A 280 -10.23 6.50 -19.87
C ARG A 280 -10.04 5.48 -20.98
N LYS A 281 -8.84 4.94 -21.08
CA LYS A 281 -8.54 3.94 -22.08
C LYS A 281 -9.03 2.55 -21.68
N ASN A 282 -9.61 2.43 -20.50
CA ASN A 282 -10.15 1.16 -20.02
C ASN A 282 -9.07 0.22 -19.49
N LYS A 283 -7.81 0.63 -19.62
CA LYS A 283 -6.69 -0.17 -19.16
C LYS A 283 -6.92 -0.66 -17.73
N ILE A 284 -7.24 0.28 -16.83
CA ILE A 284 -7.48 -0.05 -15.44
C ILE A 284 -8.94 0.18 -15.05
N GLY A 285 -9.52 -0.67 -14.24
CA GLY A 285 -10.89 -0.59 -13.91
C GLY A 285 -11.74 -1.69 -14.55
N PRO A 286 -13.11 -1.55 -14.30
CA PRO A 286 -13.94 -2.63 -14.89
C PRO A 286 -13.74 -2.80 -16.38
N LEU A 287 -13.60 -4.04 -16.83
CA LEU A 287 -13.61 -4.32 -18.26
C LEU A 287 -15.04 -4.21 -18.81
N LYS A 288 -15.37 -3.04 -19.33
CA LYS A 288 -16.72 -2.74 -19.82
C LYS A 288 -16.38 -2.83 -21.29
N MET B 21 -2.01 -2.46 16.17
CA MET B 21 -3.13 -2.84 15.18
C MET B 21 -4.05 -1.64 14.85
N LEU B 22 -4.36 -1.38 13.57
CA LEU B 22 -5.14 -0.13 13.24
C LEU B 22 -6.52 -0.08 13.95
N ILE B 23 -6.90 1.04 14.52
CA ILE B 23 -8.16 1.22 15.24
C ILE B 23 -9.13 1.64 14.14
N ILE B 24 -10.24 0.94 13.99
CA ILE B 24 -11.21 1.20 12.88
C ILE B 24 -12.42 1.94 13.39
N ILE B 25 -12.70 3.11 12.82
CA ILE B 25 -13.93 3.86 13.19
C ILE B 25 -14.88 3.63 11.98
N GLY B 26 -15.93 2.80 12.18
CA GLY B 26 -16.82 2.49 11.03
C GLY B 26 -17.64 3.71 10.65
N GLU B 27 -17.63 4.09 9.35
CA GLU B 27 -18.14 5.37 8.90
C GLU B 27 -19.61 5.34 8.45
N LYS B 28 -20.24 4.16 8.31
CA LYS B 28 -21.41 4.06 7.44
C LYS B 28 -22.68 4.76 7.93
N ILE B 29 -22.82 4.96 9.25
CA ILE B 29 -24.06 5.54 9.80
C ILE B 29 -23.97 7.08 9.73
N ASN B 30 -24.23 7.62 8.55
CA ASN B 30 -24.19 9.07 8.35
C ASN B 30 -25.42 9.59 7.62
N GLY B 31 -25.68 10.88 7.76
CA GLY B 31 -26.83 11.50 7.11
C GLY B 31 -26.53 11.96 5.71
N THR B 32 -25.26 11.85 5.31
CA THR B 32 -24.84 12.27 3.97
C THR B 32 -25.17 11.21 2.94
N ILE B 33 -25.18 9.95 3.36
CA ILE B 33 -25.48 8.84 2.47
C ILE B 33 -26.97 8.75 2.27
N PRO B 34 -27.42 8.79 1.01
CA PRO B 34 -28.89 8.84 0.81
C PRO B 34 -29.68 7.74 1.52
N SER B 35 -29.20 6.49 1.57
CA SER B 35 -29.99 5.44 2.19
C SER B 35 -30.15 5.69 3.71
N VAL B 36 -29.14 6.28 4.31
CA VAL B 36 -29.16 6.58 5.75
C VAL B 36 -30.04 7.77 6.03
N LYS B 37 -29.97 8.77 5.14
CA LYS B 37 -30.90 9.91 5.23
C LYS B 37 -32.37 9.42 5.24
N LYS B 38 -32.70 8.61 4.24
CA LYS B 38 -34.01 8.03 4.12
C LYS B 38 -34.44 7.18 5.35
N ALA B 39 -33.54 6.37 5.92
CA ALA B 39 -33.82 5.59 7.13
C ALA B 39 -34.13 6.45 8.38
N ILE B 40 -33.35 7.54 8.55
CA ILE B 40 -33.68 8.57 9.62
C ILE B 40 -35.08 9.14 9.40
N GLU B 41 -35.39 9.57 8.18
CA GLU B 41 -36.73 10.17 7.85
C GLU B 41 -37.82 9.16 8.19
N ALA B 42 -37.62 7.93 7.78
CA ALA B 42 -38.57 6.82 8.05
C ALA B 42 -38.56 6.23 9.47
N LYS B 43 -37.53 6.58 10.28
CA LYS B 43 -37.29 5.85 11.54
C LYS B 43 -37.12 4.37 11.25
N ASP B 44 -36.30 4.06 10.25
CA ASP B 44 -36.08 2.66 9.88
C ASP B 44 -34.98 2.05 10.79
N GLU B 45 -35.41 1.49 11.90
CA GLU B 45 -34.52 0.93 12.90
C GLU B 45 -33.73 -0.26 12.39
N LYS B 46 -34.37 -1.09 11.56
CA LYS B 46 -33.72 -2.28 11.03
C LYS B 46 -32.45 -1.94 10.21
N LEU B 47 -32.56 -0.97 9.32
CA LEU B 47 -31.41 -0.59 8.50
C LEU B 47 -30.23 -0.13 9.40
N ILE B 48 -30.50 0.74 10.37
CA ILE B 48 -29.43 1.27 11.29
C ILE B 48 -28.87 0.15 12.14
N ARG B 49 -29.72 -0.75 12.63
CA ARG B 49 -29.15 -1.85 13.44
C ARG B 49 -28.23 -2.74 12.60
N ASP B 50 -28.63 -2.93 11.36
CA ASP B 50 -27.88 -3.84 10.48
C ASP B 50 -26.50 -3.21 10.15
N LEU B 51 -26.47 -1.92 9.84
CA LEU B 51 -25.16 -1.22 9.65
C LEU B 51 -24.32 -1.30 10.91
N ALA B 52 -24.96 -1.15 12.06
CA ALA B 52 -24.18 -1.21 13.31
C ALA B 52 -23.55 -2.58 13.53
N LEU B 53 -24.37 -3.60 13.45
CA LEU B 53 -23.93 -4.94 13.76
C LEU B 53 -22.87 -5.42 12.73
N ARG B 54 -23.17 -5.21 11.45
CA ARG B 54 -22.23 -5.69 10.42
C ARG B 54 -20.91 -4.93 10.49
N GLN B 55 -20.92 -3.63 10.86
CA GLN B 55 -19.65 -2.90 10.98
C GLN B 55 -18.83 -3.46 12.15
N SER B 56 -19.54 -3.83 13.22
CA SER B 56 -18.89 -4.43 14.36
C SER B 56 -18.29 -5.80 13.98
N GLU B 57 -19.04 -6.60 13.26
CA GLU B 57 -18.66 -7.98 12.88
C GLU B 57 -17.46 -7.93 11.93
N ALA B 58 -17.37 -6.87 11.09
CA ALA B 58 -16.22 -6.65 10.19
C ALA B 58 -14.99 -6.11 10.93
N GLY B 59 -15.08 -5.81 12.25
CA GLY B 59 -13.93 -5.36 13.01
C GLY B 59 -13.86 -3.92 13.53
N ALA B 60 -14.93 -3.14 13.30
CA ALA B 60 -14.94 -1.78 13.77
C ALA B 60 -14.74 -1.72 15.29
N ASP B 61 -13.96 -0.75 15.75
CA ASP B 61 -13.71 -0.52 17.17
C ASP B 61 -14.62 0.59 17.71
N TYR B 62 -15.13 1.41 16.79
CA TYR B 62 -16.08 2.54 17.13
C TYR B 62 -17.10 2.54 15.99
N ILE B 63 -18.33 2.90 16.31
CA ILE B 63 -19.38 3.09 15.27
C ILE B 63 -19.67 4.58 15.21
N ASP B 64 -19.23 5.22 14.12
CA ASP B 64 -19.51 6.67 13.93
C ASP B 64 -21.03 6.86 13.72
N VAL B 65 -21.57 7.93 14.33
CA VAL B 65 -22.96 8.28 14.04
C VAL B 65 -22.97 9.78 13.72
N CYS B 66 -23.51 10.11 12.53
CA CYS B 66 -23.52 11.52 12.07
C CYS B 66 -24.90 11.83 11.46
N ALA B 67 -25.58 12.83 11.98
CA ALA B 67 -26.96 13.00 11.65
C ALA B 67 -27.08 13.66 10.24
N SER B 68 -26.25 14.66 9.99
CA SER B 68 -26.25 15.37 8.72
C SER B 68 -27.62 15.97 8.42
N THR B 69 -28.39 16.29 9.46
CA THR B 69 -29.69 16.89 9.21
C THR B 69 -29.57 18.44 9.37
N SER B 70 -30.66 19.17 9.35
CA SER B 70 -30.60 20.57 9.77
C SER B 70 -30.15 20.76 11.26
N PRO B 71 -29.61 21.91 11.62
CA PRO B 71 -29.23 22.24 12.99
C PRO B 71 -30.30 21.84 14.07
N GLU B 72 -31.53 22.32 13.88
CA GLU B 72 -32.62 22.15 14.84
C GLU B 72 -33.08 20.69 14.99
N LEU B 73 -32.69 19.77 14.10
CA LEU B 73 -33.08 18.36 14.22
C LEU B 73 -31.89 17.45 14.62
N GLU B 74 -30.74 18.06 14.69
CA GLU B 74 -29.52 17.26 14.89
C GLU B 74 -29.47 16.47 16.21
N VAL B 75 -29.85 17.13 17.29
CA VAL B 75 -29.70 16.52 18.60
C VAL B 75 -30.68 15.35 18.73
N GLU B 76 -31.95 15.58 18.34
CA GLU B 76 -32.89 14.46 18.42
C GLU B 76 -32.49 13.29 17.51
N THR B 77 -31.95 13.62 16.36
CA THR B 77 -31.51 12.60 15.41
C THR B 77 -30.33 11.75 15.90
N LEU B 78 -29.36 12.44 16.44
CA LEU B 78 -28.24 11.74 17.14
C LEU B 78 -28.73 10.87 18.25
N GLN B 79 -29.65 11.36 19.07
CA GLN B 79 -30.15 10.52 20.18
C GLN B 79 -30.81 9.25 19.64
N TRP B 80 -31.63 9.35 18.59
CA TRP B 80 -32.25 8.22 17.99
C TRP B 80 -31.21 7.28 17.44
N LEU B 81 -30.27 7.78 16.66
CA LEU B 81 -29.16 6.91 16.11
C LEU B 81 -28.39 6.20 17.23
N MET B 82 -28.09 6.92 18.32
CA MET B 82 -27.29 6.27 19.45
C MET B 82 -28.10 5.17 20.14
N ASP B 83 -29.40 5.38 20.29
CA ASP B 83 -30.26 4.42 20.97
C ASP B 83 -30.31 3.17 20.14
N ILE B 84 -30.50 3.34 18.81
CA ILE B 84 -30.63 2.17 17.97
C ILE B 84 -29.32 1.37 17.83
N VAL B 85 -28.22 2.09 17.63
CA VAL B 85 -26.89 1.45 17.54
C VAL B 85 -26.58 0.63 18.76
N GLN B 86 -26.84 1.20 19.92
CA GLN B 86 -26.45 0.50 21.18
C GLN B 86 -27.35 -0.69 21.49
N GLU B 87 -28.58 -0.69 20.96
CA GLU B 87 -29.37 -1.93 20.95
C GLU B 87 -28.72 -3.07 20.26
N ALA B 88 -27.96 -2.74 19.22
CA ALA B 88 -27.48 -3.76 18.30
C ALA B 88 -26.07 -4.21 18.69
N THR B 89 -25.27 -3.32 19.24
CA THR B 89 -23.87 -3.62 19.47
C THR B 89 -23.33 -2.91 20.67
N ASP B 90 -22.39 -3.58 21.33
CA ASP B 90 -21.68 -3.01 22.43
C ASP B 90 -20.45 -2.24 22.01
N THR B 91 -20.14 -2.33 20.71
CA THR B 91 -19.03 -1.52 20.21
C THR B 91 -19.26 0.00 20.46
N PRO B 92 -18.29 0.75 21.06
CA PRO B 92 -18.58 2.14 21.52
C PRO B 92 -18.88 3.11 20.37
N LEU B 93 -19.52 4.20 20.71
CA LEU B 93 -19.96 5.19 19.74
C LEU B 93 -18.81 6.13 19.39
N CYS B 94 -18.81 6.66 18.17
CA CYS B 94 -18.02 7.84 17.77
C CYS B 94 -19.04 8.92 17.37
N ILE B 95 -19.24 9.89 18.26
CA ILE B 95 -20.29 10.91 18.03
C ILE B 95 -19.69 11.96 17.11
N ASP B 96 -20.28 12.09 15.92
CA ASP B 96 -19.69 12.86 14.83
C ASP B 96 -20.62 14.07 14.61
N SER B 97 -20.19 15.26 15.09
CA SER B 97 -20.96 16.47 14.81
C SER B 97 -20.04 17.64 14.65
N PRO B 98 -20.42 18.63 13.85
CA PRO B 98 -19.50 19.78 13.82
C PRO B 98 -19.93 20.84 14.81
N ASN B 99 -20.90 20.49 15.68
CA ASN B 99 -21.52 21.42 16.61
C ASN B 99 -21.30 20.91 18.03
N PRO B 100 -20.39 21.55 18.77
CA PRO B 100 -20.03 21.02 20.10
C PRO B 100 -21.23 21.03 21.06
N ARG B 101 -22.12 22.01 20.93
CA ARG B 101 -23.37 22.03 21.78
C ARG B 101 -24.20 20.75 21.59
N ALA B 102 -24.25 20.26 20.34
CA ALA B 102 -24.99 19.04 20.04
C ALA B 102 -24.33 17.84 20.74
N ILE B 103 -23.01 17.74 20.60
CA ILE B 103 -22.29 16.70 21.29
C ILE B 103 -22.58 16.78 22.83
N GLN B 104 -22.55 17.96 23.37
CA GLN B 104 -22.81 18.14 24.82
C GLN B 104 -24.17 17.58 25.18
N GLN B 105 -25.18 17.86 24.34
CA GLN B 105 -26.57 17.49 24.67
C GLN B 105 -26.88 16.01 24.42
N VAL B 106 -25.91 15.26 23.85
CA VAL B 106 -26.15 13.81 23.58
C VAL B 106 -25.17 12.92 24.30
N LEU B 107 -24.12 13.49 24.88
CA LEU B 107 -23.08 12.60 25.48
C LEU B 107 -23.70 11.59 26.47
N LEU B 108 -24.71 12.05 27.22
CA LEU B 108 -25.29 11.26 28.32
C LEU B 108 -26.13 10.09 27.83
N TYR B 109 -26.48 10.11 26.54
CA TYR B 109 -27.18 9.00 25.91
C TYR B 109 -26.26 7.86 25.55
N ALA B 110 -24.97 8.01 25.78
CA ALA B 110 -24.07 6.89 25.50
C ALA B 110 -23.96 5.94 26.72
N LYS B 111 -24.04 4.65 26.52
CA LYS B 111 -24.02 3.69 27.62
C LYS B 111 -22.66 3.45 28.21
N ARG B 112 -21.64 3.82 27.47
CA ARG B 112 -20.25 3.61 27.78
C ARG B 112 -19.37 4.64 27.06
N PRO B 113 -18.18 4.96 27.56
CA PRO B 113 -17.43 6.01 26.85
C PRO B 113 -16.93 5.61 25.46
N GLY B 114 -16.83 6.55 24.55
CA GLY B 114 -16.43 6.22 23.18
C GLY B 114 -15.51 7.31 22.70
N LEU B 115 -15.82 7.87 21.53
CA LEU B 115 -14.91 8.83 20.84
C LEU B 115 -15.75 10.02 20.50
N ILE B 116 -15.17 11.20 20.63
CA ILE B 116 -15.86 12.43 20.19
C ILE B 116 -15.22 12.92 18.90
N ASN B 117 -16.06 13.10 17.88
CA ASN B 117 -15.59 13.57 16.58
C ASN B 117 -16.34 14.81 16.11
N SER B 118 -15.74 15.98 16.34
CA SER B 118 -14.35 16.21 16.81
C SER B 118 -14.16 17.59 17.47
N VAL B 119 -12.97 17.89 17.97
CA VAL B 119 -12.59 19.24 18.24
C VAL B 119 -11.59 19.79 17.27
N SER B 120 -11.44 21.09 17.39
CA SER B 120 -10.43 21.80 16.63
C SER B 120 -10.11 23.15 17.25
N LEU B 121 -9.11 23.83 16.70
CA LEU B 121 -8.72 25.15 17.20
C LEU B 121 -9.69 26.23 16.75
N GLU B 122 -10.81 25.81 16.19
CA GLU B 122 -11.83 26.75 15.71
C GLU B 122 -12.80 27.16 16.84
N GLY B 123 -13.17 28.44 16.85
CA GLY B 123 -14.17 28.96 17.79
C GLY B 123 -13.97 28.46 19.20
N ASP B 124 -15.02 27.85 19.75
CA ASP B 124 -14.90 27.39 21.13
C ASP B 124 -14.99 25.86 21.27
N LYS B 125 -14.55 25.11 20.25
CA LYS B 125 -14.72 23.66 20.31
C LYS B 125 -14.00 23.05 21.51
N CYS B 126 -12.73 23.41 21.70
CA CYS B 126 -12.01 22.88 22.88
C CYS B 126 -12.64 23.30 24.20
N GLU B 127 -13.06 24.56 24.35
CA GLU B 127 -13.53 24.97 25.63
C GLU B 127 -14.95 24.52 25.98
N VAL B 128 -15.65 24.01 24.99
CA VAL B 128 -16.92 23.33 25.27
C VAL B 128 -16.69 21.83 25.51
N ILE B 129 -15.91 21.19 24.65
CA ILE B 129 -15.78 19.70 24.67
C ILE B 129 -14.87 19.23 25.79
N PHE B 130 -13.75 19.94 26.03
CA PHE B 130 -12.76 19.45 26.99
C PHE B 130 -13.23 19.41 28.46
N PRO B 131 -14.05 20.37 28.91
CA PRO B 131 -14.60 20.27 30.25
C PRO B 131 -15.58 19.11 30.36
N LEU B 132 -16.24 18.79 29.26
CA LEU B 132 -17.24 17.73 29.23
C LEU B 132 -16.62 16.32 29.32
N ILE B 133 -15.34 16.20 29.00
CA ILE B 133 -14.69 14.89 29.02
C ILE B 133 -13.59 14.84 30.03
N GLN B 134 -13.20 16.00 30.56
CA GLN B 134 -12.14 16.07 31.56
C GLN B 134 -12.53 15.33 32.83
N GLY B 135 -11.95 14.14 33.03
CA GLY B 135 -12.24 13.33 34.20
C GLY B 135 -12.77 11.97 33.84
N THR B 136 -13.35 11.85 32.65
CA THR B 136 -13.90 10.58 32.19
C THR B 136 -12.96 9.90 31.19
N SER B 137 -13.39 8.77 30.65
CA SER B 137 -12.58 8.01 29.68
C SER B 137 -12.93 8.27 28.24
N TRP B 138 -13.69 9.35 27.92
CA TRP B 138 -13.93 9.63 26.53
C TRP B 138 -12.62 10.01 25.83
N GLN B 139 -12.49 9.53 24.59
CA GLN B 139 -11.41 10.00 23.70
C GLN B 139 -11.91 11.00 22.72
N VAL B 140 -11.00 11.65 22.01
CA VAL B 140 -11.41 12.77 21.17
C VAL B 140 -10.53 12.84 19.92
N ILE B 141 -11.18 13.02 18.79
CA ILE B 141 -10.51 13.37 17.56
C ILE B 141 -10.31 14.90 17.55
N ALA B 142 -9.11 15.34 17.29
CA ALA B 142 -8.76 16.76 17.23
C ALA B 142 -8.20 17.04 15.79
N LEU B 143 -8.91 17.87 14.99
CA LEU B 143 -8.49 18.25 13.62
C LEU B 143 -7.48 19.37 13.64
N THR B 144 -6.48 19.32 12.74
CA THR B 144 -5.52 20.37 12.62
C THR B 144 -6.02 21.53 11.76
N CYS B 145 -6.93 22.33 12.34
CA CYS B 145 -7.39 23.57 11.71
C CYS B 145 -7.77 24.50 12.79
N ASP B 146 -7.95 25.76 12.40
CA ASP B 146 -8.24 26.82 13.33
C ASP B 146 -9.22 27.77 12.66
N ASN B 147 -9.32 28.99 13.18
CA ASN B 147 -10.31 29.92 12.64
C ASN B 147 -10.00 30.42 11.23
N SER B 148 -8.77 30.22 10.76
CA SER B 148 -8.46 30.65 9.38
C SER B 148 -8.72 29.56 8.39
N GLY B 149 -9.13 28.37 8.87
CA GLY B 149 -9.52 27.27 7.99
C GLY B 149 -8.52 26.13 7.93
N ILE B 150 -8.44 25.42 6.79
CA ILE B 150 -7.49 24.28 6.58
C ILE B 150 -6.11 24.91 6.46
N PRO B 151 -5.10 24.34 7.16
CA PRO B 151 -3.78 24.93 6.98
C PRO B 151 -3.22 24.72 5.60
N GLN B 152 -2.36 25.63 5.22
CA GLN B 152 -1.78 25.60 3.91
C GLN B 152 -0.42 24.89 3.79
N ASP B 153 0.00 24.19 4.83
CA ASP B 153 1.25 23.42 4.85
C ASP B 153 1.40 22.36 5.97
N VAL B 154 2.48 21.62 5.92
CA VAL B 154 2.82 20.69 6.96
C VAL B 154 3.05 21.43 8.26
N GLN B 155 3.91 22.42 8.21
CA GLN B 155 4.32 23.10 9.48
C GLN B 155 3.19 23.64 10.31
N SER B 156 2.23 24.24 9.62
CA SER B 156 1.03 24.77 10.24
C SER B 156 0.23 23.70 10.97
N ARG B 157 0.05 22.54 10.32
CA ARG B 157 -0.63 21.41 10.94
C ARG B 157 0.08 20.88 12.19
N VAL B 158 1.42 20.80 12.11
CA VAL B 158 2.21 20.35 13.25
C VAL B 158 2.08 21.29 14.47
N GLU B 159 2.10 22.60 14.21
CA GLU B 159 2.01 23.64 15.27
C GLU B 159 0.61 23.65 15.90
N ILE B 160 -0.38 23.33 15.09
CA ILE B 160 -1.75 23.28 15.57
C ILE B 160 -1.95 22.05 16.45
N ALA B 161 -1.32 20.94 16.04
CA ALA B 161 -1.38 19.70 16.83
C ALA B 161 -0.75 19.96 18.21
N GLN B 162 0.37 20.69 18.26
CA GLN B 162 1.03 21.04 19.53
C GLN B 162 0.07 21.88 20.38
N ALA B 163 -0.58 22.84 19.73
CA ALA B 163 -1.46 23.73 20.49
C ALA B 163 -2.68 22.97 21.04
N LEU B 164 -3.22 22.06 20.24
CA LEU B 164 -4.26 21.11 20.73
C LEU B 164 -3.83 20.26 21.91
N VAL B 165 -2.62 19.68 21.87
CA VAL B 165 -2.15 18.81 22.93
C VAL B 165 -1.98 19.68 24.20
N GLU B 166 -1.41 20.88 24.07
CA GLU B 166 -1.25 21.74 25.26
C GLU B 166 -2.63 22.13 25.88
N LYS B 167 -3.56 22.51 25.02
CA LYS B 167 -4.90 22.83 25.51
C LYS B 167 -5.48 21.64 26.28
N ALA B 168 -5.35 20.45 25.67
CA ALA B 168 -5.88 19.21 26.26
C ALA B 168 -5.24 18.96 27.61
N GLN B 169 -3.94 19.21 27.67
CA GLN B 169 -3.20 19.09 28.91
C GLN B 169 -3.69 19.94 30.01
N SER B 170 -4.17 21.14 29.69
CA SER B 170 -4.67 22.02 30.76
C SER B 170 -6.02 21.54 31.33
N TYR B 171 -6.64 20.54 30.71
CA TYR B 171 -7.84 19.88 31.27
C TYR B 171 -7.53 18.44 31.70
N ASP B 172 -6.24 18.11 31.84
CA ASP B 172 -5.81 16.80 32.24
C ASP B 172 -6.07 15.70 31.20
N ILE B 173 -6.21 16.07 29.94
CA ILE B 173 -6.41 15.02 28.95
C ILE B 173 -5.11 14.51 28.38
N ALA B 174 -4.83 13.21 28.60
CA ALA B 174 -3.55 12.61 28.22
C ALA B 174 -3.48 12.47 26.72
N GLN B 175 -2.28 12.52 26.17
CA GLN B 175 -2.07 12.42 24.73
C GLN B 175 -2.67 11.12 24.17
N GLU B 176 -2.70 10.08 25.00
CA GLU B 176 -3.21 8.79 24.58
C GLU B 176 -4.68 8.87 24.15
N ARG B 177 -5.43 9.76 24.79
CA ARG B 177 -6.89 9.94 24.47
C ARG B 177 -7.20 10.74 23.21
N ILE B 178 -6.19 11.22 22.60
CA ILE B 178 -6.28 12.18 21.47
C ILE B 178 -5.89 11.54 20.13
N HIS B 179 -6.67 11.74 19.08
CA HIS B 179 -6.43 11.27 17.75
C HIS B 179 -6.34 12.52 16.94
N ILE B 180 -5.09 12.90 16.61
CA ILE B 180 -4.88 14.03 15.72
C ILE B 180 -5.24 13.62 14.32
N ASP B 181 -6.11 14.40 13.66
CA ASP B 181 -6.49 14.22 12.22
C ASP B 181 -5.83 15.36 11.44
N PRO B 182 -4.79 15.08 10.66
CA PRO B 182 -4.17 16.12 9.91
C PRO B 182 -4.88 16.53 8.60
N LEU B 183 -6.18 16.20 8.47
CA LEU B 183 -7.06 16.61 7.34
C LEU B 183 -6.46 16.52 5.95
N VAL B 184 -6.13 15.31 5.51
CA VAL B 184 -5.48 15.14 4.25
C VAL B 184 -6.38 15.76 3.16
N ILE B 185 -5.79 16.46 2.20
CA ILE B 185 -6.54 17.05 1.09
C ILE B 185 -6.61 16.10 -0.09
N ALA B 186 -7.29 16.50 -1.16
CA ALA B 186 -7.42 15.65 -2.34
C ALA B 186 -6.10 15.59 -3.12
N LEU B 187 -5.69 14.38 -3.53
CA LEU B 187 -4.51 14.24 -4.37
C LEU B 187 -4.66 14.98 -5.71
N SER B 188 -5.86 15.00 -6.26
CA SER B 188 -6.10 15.84 -7.50
C SER B 188 -5.83 17.33 -7.22
N ALA B 189 -6.09 17.83 -6.02
CA ALA B 189 -5.79 19.24 -5.71
C ALA B 189 -4.28 19.46 -5.42
N ASP B 190 -3.60 18.44 -4.87
CA ASP B 190 -2.19 18.55 -4.46
C ASP B 190 -1.59 17.13 -4.54
N ASN B 191 -0.71 16.96 -5.51
CA ASN B 191 -0.14 15.65 -5.83
C ASN B 191 0.82 15.20 -4.69
N GLY B 192 1.11 16.11 -3.75
CA GLY B 192 1.87 15.74 -2.56
C GLY B 192 1.06 15.47 -1.34
N ALA B 193 -0.26 15.26 -1.53
CA ALA B 193 -1.21 15.18 -0.43
C ALA B 193 -0.79 14.04 0.50
N LEU B 194 -0.38 12.91 -0.09
CA LEU B 194 0.05 11.75 0.76
C LEU B 194 1.50 11.92 1.37
N LEU B 195 2.41 12.44 0.57
CA LEU B 195 3.75 12.75 1.03
C LEU B 195 3.73 13.81 2.13
N LYS B 196 2.66 14.62 2.17
CA LYS B 196 2.56 15.69 3.21
C LYS B 196 1.84 15.13 4.43
N PHE B 197 0.89 14.21 4.21
CA PHE B 197 0.19 13.53 5.31
C PHE B 197 1.24 12.72 6.03
N ALA B 198 2.14 12.05 5.29
CA ALA B 198 3.08 11.14 5.97
C ALA B 198 4.12 11.94 6.77
N GLU B 199 4.55 13.06 6.22
CA GLU B 199 5.45 13.98 6.95
C GLU B 199 4.87 14.64 8.23
N ALA B 200 3.63 15.13 8.16
CA ALA B 200 2.96 15.63 9.37
C ALA B 200 2.84 14.48 10.41
N THR B 201 2.42 13.28 9.99
CA THR B 201 2.28 12.11 10.89
C THR B 201 3.63 11.78 11.57
N ARG B 202 4.73 11.78 10.81
CA ARG B 202 6.05 11.53 11.36
C ARG B 202 6.44 12.60 12.35
N GLN B 203 6.22 13.85 12.03
CA GLN B 203 6.59 14.95 12.96
C GLN B 203 5.72 14.93 14.21
N ILE B 204 4.41 14.77 14.05
CA ILE B 204 3.52 14.74 15.22
C ILE B 204 3.85 13.60 16.16
N LYS B 205 4.03 12.40 15.60
CA LYS B 205 4.34 11.25 16.45
C LYS B 205 5.76 11.36 17.01
N ALA B 206 6.66 12.01 16.25
CA ALA B 206 7.98 12.29 16.81
C ALA B 206 7.91 13.20 18.03
N ASN B 207 7.04 14.20 18.00
CA ASN B 207 6.96 15.11 19.11
C ASN B 207 6.13 14.52 20.25
N TYR B 208 5.24 13.61 19.90
CA TYR B 208 4.33 12.99 20.87
C TYR B 208 4.16 11.50 20.60
N PRO B 209 5.11 10.69 21.08
CA PRO B 209 5.01 9.27 20.74
C PRO B 209 3.77 8.56 21.32
N MET B 210 3.12 9.15 22.29
CA MET B 210 1.95 8.50 22.89
C MET B 210 0.66 8.92 22.16
N ILE B 211 0.75 9.92 21.29
CA ILE B 211 -0.42 10.44 20.59
C ILE B 211 -0.84 9.53 19.44
N ASN B 212 -2.10 9.64 19.04
CA ASN B 212 -2.63 8.84 17.94
C ASN B 212 -3.00 9.71 16.74
N VAL B 213 -2.64 9.24 15.55
CA VAL B 213 -2.89 9.98 14.34
C VAL B 213 -4.01 9.27 13.59
N THR B 214 -4.97 10.04 13.11
CA THR B 214 -6.13 9.40 12.47
C THR B 214 -6.40 10.06 11.13
N SER B 215 -7.14 9.38 10.25
CA SER B 215 -7.59 10.05 9.04
C SER B 215 -8.88 9.42 8.54
N GLY B 216 -9.63 10.17 7.73
CA GLY B 216 -10.61 9.52 6.87
C GLY B 216 -9.84 9.18 5.58
N LEU B 217 -10.39 8.25 4.85
CA LEU B 217 -9.81 7.86 3.55
C LEU B 217 -10.37 8.66 2.41
N SER B 218 -11.65 8.94 2.41
CA SER B 218 -12.26 9.41 1.16
C SER B 218 -11.72 10.73 0.53
N ASN B 219 -11.26 11.70 1.34
CA ASN B 219 -10.88 13.00 0.76
C ASN B 219 -9.76 12.90 -0.19
N ILE B 220 -8.84 11.96 0.05
CA ILE B 220 -7.72 11.79 -0.79
C ILE B 220 -8.06 11.59 -2.25
N SER B 221 -9.19 10.92 -2.53
CA SER B 221 -9.51 10.52 -3.91
C SER B 221 -10.53 11.42 -4.62
N PHE B 222 -11.00 12.48 -3.95
CA PHE B 222 -11.96 13.40 -4.53
C PHE B 222 -11.38 14.11 -5.75
N GLY B 223 -11.91 13.80 -6.92
CA GLY B 223 -11.44 14.40 -8.16
C GLY B 223 -10.77 13.39 -9.07
N MET B 224 -10.85 12.12 -8.68
CA MET B 224 -10.25 11.04 -9.45
C MET B 224 -11.24 9.95 -9.75
N PRO B 225 -11.01 9.17 -10.82
CA PRO B 225 -11.82 7.99 -11.05
C PRO B 225 -11.32 6.86 -10.18
N LEU B 226 -12.12 5.77 -10.14
CA LEU B 226 -11.89 4.60 -9.31
C LEU B 226 -11.48 5.02 -7.93
N ARG B 227 -12.35 5.78 -7.28
CA ARG B 227 -11.94 6.34 -5.95
C ARG B 227 -11.68 5.21 -4.92
N LYS B 228 -12.41 4.08 -5.03
CA LYS B 228 -12.20 2.96 -4.04
C LYS B 228 -10.74 2.47 -4.16
N VAL B 229 -10.24 2.39 -5.39
CA VAL B 229 -8.86 1.94 -5.57
C VAL B 229 -7.92 2.95 -4.90
N VAL B 230 -8.12 4.23 -5.22
CA VAL B 230 -7.23 5.25 -4.66
C VAL B 230 -7.32 5.23 -3.12
N ASN B 231 -8.52 5.15 -2.56
CA ASN B 231 -8.69 5.10 -1.10
C ASN B 231 -7.89 3.93 -0.52
N GLN B 232 -7.96 2.78 -1.15
CA GLN B 232 -7.35 1.57 -0.62
C GLN B 232 -5.83 1.75 -0.53
N ASN B 233 -5.23 2.12 -1.65
CA ASN B 233 -3.82 2.37 -1.69
C ASN B 233 -3.35 3.47 -0.72
N PHE B 234 -4.15 4.47 -0.49
CA PHE B 234 -3.83 5.50 0.46
C PHE B 234 -3.85 4.87 1.86
N LEU B 235 -4.79 4.07 2.06
CA LEU B 235 -4.79 3.37 3.38
C LEU B 235 -3.52 2.50 3.54
N THR B 236 -3.23 1.71 2.52
CA THR B 236 -2.07 0.82 2.53
C THR B 236 -0.80 1.60 2.83
N LEU B 237 -0.76 2.85 2.40
CA LEU B 237 0.41 3.70 2.62
C LEU B 237 0.34 4.39 3.98
N ALA B 238 -0.78 5.06 4.24
CA ALA B 238 -0.97 5.75 5.51
C ALA B 238 -0.66 4.85 6.72
N MET B 239 -1.00 3.57 6.66
CA MET B 239 -0.63 2.64 7.69
C MET B 239 0.87 2.54 7.82
N PHE B 240 1.56 2.50 6.68
CA PHE B 240 3.01 2.35 6.66
C PHE B 240 3.65 3.62 7.17
N ALA B 241 2.94 4.75 7.03
CA ALA B 241 3.49 6.05 7.55
C ALA B 241 3.20 6.24 9.09
N GLY B 242 2.46 5.37 9.73
CA GLY B 242 2.26 5.49 11.18
C GLY B 242 0.84 5.76 11.64
N MET B 243 -0.12 5.82 10.73
CA MET B 243 -1.50 6.06 11.12
C MET B 243 -2.03 5.04 12.11
N ASP B 244 -2.62 5.55 13.20
CA ASP B 244 -3.12 4.73 14.26
C ASP B 244 -4.58 4.39 14.20
N SER B 245 -5.39 5.31 13.63
CA SER B 245 -6.83 4.94 13.56
C SER B 245 -7.32 5.55 12.26
N ALA B 246 -8.48 5.11 11.81
CA ALA B 246 -9.01 5.60 10.56
C ALA B 246 -10.49 5.48 10.57
N ILE B 247 -11.12 6.47 9.97
CA ILE B 247 -12.54 6.40 9.69
C ILE B 247 -12.74 5.89 8.25
N LEU B 248 -13.40 4.73 8.14
CA LEU B 248 -13.50 4.09 6.88
C LEU B 248 -14.72 3.15 6.82
N ASP B 249 -14.92 2.56 5.66
CA ASP B 249 -16.04 1.64 5.51
C ASP B 249 -15.57 0.16 5.59
N PRO B 250 -15.75 -0.49 6.74
CA PRO B 250 -15.20 -1.85 6.88
C PRO B 250 -16.13 -2.88 6.23
N LEU B 251 -17.25 -2.42 5.61
CA LEU B 251 -18.14 -3.34 4.84
C LEU B 251 -17.69 -3.45 3.41
N ASN B 252 -16.66 -2.70 3.06
CA ASN B 252 -16.04 -2.79 1.74
C ASN B 252 -15.02 -3.92 1.72
N ARG B 253 -15.48 -5.12 1.36
CA ARG B 253 -14.65 -6.32 1.38
C ARG B 253 -13.24 -6.08 0.87
N ASP B 254 -13.11 -5.48 -0.31
CA ASP B 254 -11.77 -5.26 -0.94
C ASP B 254 -10.91 -4.41 -0.03
N LEU B 255 -11.54 -3.40 0.57
CA LEU B 255 -10.79 -2.51 1.46
C LEU B 255 -10.34 -3.28 2.71
N LEU B 256 -11.26 -4.08 3.27
CA LEU B 256 -10.99 -4.94 4.46
C LEU B 256 -9.86 -5.93 4.17
N ALA B 257 -9.85 -6.50 2.97
CA ALA B 257 -8.76 -7.46 2.65
C ALA B 257 -7.44 -6.70 2.62
N ALA B 258 -7.44 -5.53 2.03
CA ALA B 258 -6.16 -4.73 1.92
C ALA B 258 -5.67 -4.33 3.33
N LEU B 259 -6.62 -3.90 4.15
CA LEU B 259 -6.36 -3.61 5.59
C LEU B 259 -5.68 -4.76 6.32
N LEU B 260 -6.29 -5.91 6.30
CA LEU B 260 -5.73 -7.04 6.96
C LEU B 260 -4.41 -7.56 6.33
N ALA B 261 -4.31 -7.48 5.02
CA ALA B 261 -3.06 -7.82 4.36
C ALA B 261 -1.95 -6.89 4.85
N THR B 262 -2.31 -5.60 4.97
CA THR B 262 -1.31 -4.59 5.36
C THR B 262 -0.90 -4.81 6.85
N GLU B 263 -1.89 -5.09 7.72
CA GLU B 263 -1.56 -5.54 9.11
C GLU B 263 -0.54 -6.67 9.11
N ALA B 264 -0.73 -7.70 8.29
CA ALA B 264 0.24 -8.82 8.26
C ALA B 264 1.62 -8.38 7.69
N LEU B 265 1.57 -7.61 6.62
CA LEU B 265 2.82 -7.06 6.04
C LEU B 265 3.62 -6.13 6.98
N LEU B 266 2.96 -5.50 7.96
CA LEU B 266 3.68 -4.59 8.85
C LEU B 266 4.10 -5.32 10.15
N GLY B 267 3.92 -6.64 10.14
CA GLY B 267 4.47 -7.53 11.18
C GLY B 267 3.57 -7.53 12.39
N ARG B 268 2.34 -7.08 12.21
CA ARG B 268 1.35 -7.01 13.31
C ARG B 268 0.41 -8.19 13.38
N ASP B 269 0.57 -9.18 12.53
CA ASP B 269 -0.38 -10.30 12.55
C ASP B 269 0.36 -11.58 12.77
N LYS B 270 0.46 -12.01 14.05
CA LYS B 270 1.38 -13.14 14.30
C LYS B 270 0.95 -14.34 13.50
N HIS B 271 1.92 -14.99 12.89
CA HIS B 271 1.74 -16.08 11.93
C HIS B 271 0.65 -15.85 10.90
N CYS B 272 0.29 -14.58 10.62
CA CYS B 272 -0.77 -14.23 9.63
C CYS B 272 -2.11 -14.91 9.92
N ARG B 273 -2.27 -15.30 11.18
CA ARG B 273 -3.45 -15.99 11.68
C ARG B 273 -4.74 -15.20 11.38
N ASN B 274 -4.82 -13.90 11.71
CA ASN B 274 -6.04 -13.05 11.50
C ASN B 274 -6.43 -12.98 10.04
N PHE B 275 -5.42 -12.82 9.19
CA PHE B 275 -5.72 -12.85 7.74
C PHE B 275 -6.29 -14.24 7.31
N ALA B 276 -5.64 -15.31 7.79
CA ALA B 276 -6.05 -16.66 7.43
C ALA B 276 -7.48 -16.93 7.98
N ASN B 277 -7.73 -16.48 9.21
CA ASN B 277 -9.01 -16.62 9.85
C ASN B 277 -10.07 -15.85 9.06
N ALA B 278 -9.76 -14.61 8.64
CA ALA B 278 -10.72 -13.79 7.90
C ALA B 278 -11.09 -14.48 6.58
N TYR B 279 -10.14 -15.12 5.90
CA TYR B 279 -10.45 -15.76 4.66
C TYR B 279 -11.31 -17.02 4.94
N ARG B 280 -10.98 -17.75 6.02
CA ARG B 280 -11.64 -19.08 6.30
C ARG B 280 -13.08 -18.86 6.71
N LYS B 281 -13.32 -17.71 7.32
CA LYS B 281 -14.64 -17.25 7.78
C LYS B 281 -15.35 -16.52 6.63
N ASN B 282 -14.76 -16.50 5.45
CA ASN B 282 -15.28 -15.71 4.36
C ASN B 282 -15.54 -14.23 4.66
N LYS B 283 -14.70 -13.64 5.51
CA LYS B 283 -14.71 -12.20 5.73
C LYS B 283 -14.15 -11.47 4.51
N ILE B 284 -13.11 -12.00 3.94
CA ILE B 284 -12.57 -11.43 2.77
C ILE B 284 -12.45 -12.50 1.72
N GLY B 285 -12.19 -12.08 0.52
CA GLY B 285 -12.18 -12.95 -0.60
C GLY B 285 -13.52 -13.05 -1.30
N PRO B 286 -13.53 -13.72 -2.45
CA PRO B 286 -14.75 -13.89 -3.24
C PRO B 286 -15.71 -14.88 -2.57
N LEU B 287 -16.89 -14.40 -2.14
CA LEU B 287 -17.27 -13.00 -2.28
C LEU B 287 -18.67 -12.77 -1.71
#